data_4GLE
#
_entry.id   4GLE
#
_cell.length_a   57.200
_cell.length_b   112.510
_cell.length_c   153.850
_cell.angle_alpha   90.00
_cell.angle_beta   90.00
_cell.angle_gamma   90.00
#
_symmetry.space_group_name_H-M   'C 2 2 21'
#
loop_
_entity.id
_entity.type
_entity.pdbx_description
1 polymer "5'-D(*CP*GP*TP*CP*GP*TP*CP*AP*AP*GP*GP*AP*CP*GP*C)-3'"
2 polymer "5'-D(*GP*CP*GP*TP*CP*CP*(64T)P*(5PY)P*GP*AP*CP*GP*AP*CP*G)-3'"
3 polymer 'UV damage endonuclease'
4 non-polymer 'SULFATE ION'
5 water water
#
loop_
_entity_poly.entity_id
_entity_poly.type
_entity_poly.pdbx_seq_one_letter_code
_entity_poly.pdbx_strand_id
1 'polydeoxyribonucleotide' (DC)(DG)(DT)(DC)(DG)(DT)(DC)(DA)(DA)(DG)(DG)(DA)(DC)(DG)(DC) B
2 'polydeoxyribonucleotide' (DG)(DC)(DG)(DT)(DC)(DC)(64T)(5PY)(DG)(DA)(DC)(DG)(DA)(DC)(DG) C
3 'polypeptide(L)'
;MGHHHHHHHHHHSSGHIEGRHMRVGYVSTNYSLGCKADKTIKLSSLSEERVLKVSSSNLLCLKNILEWNLKHEILFFRIS
SNTIPLASHPKFHVNWKDKLSHILGDIGDFIKENSIRISMHPGQYVVLNSVREEVVRSSIMELKYHADLLDSMGIEGKIQ
IHVGSSMNGKEESLNRFIENFRKLPSNISKRLVIENDDKVFSVKDCLWISERTGIPVIFDNLHHSILNNGESLNDALSLV
RRTWKDRPMIDYSEQEPGEKPGVHATTINEENFRRFVNEVDEVDIMLEVKDKEISALKAVKVLKELNKLD
;
A
#
loop_
_chem_comp.id
_chem_comp.type
_chem_comp.name
_chem_comp.formula
5PY DNA linking 1-(2'-DEOXY-5'-O-PHOSPHONO-BETA-D-ERYTHRO-PENTOFURANOSYL)-5-METHYLPYRIMIDIN-2(1H)-ONE 'C10 H15 N2 O7 P'
64T DNA linking 5-HYDROXY-THYMIDINE-5'-MONOPHOSPHATE 'C10 H17 N2 O9 P'
DA DNA linking 2'-DEOXYADENOSINE-5'-MONOPHOSPHATE 'C10 H14 N5 O6 P'
DC DNA linking 2'-DEOXYCYTIDINE-5'-MONOPHOSPHATE 'C9 H14 N3 O7 P'
DG DNA linking 2'-DEOXYGUANOSINE-5'-MONOPHOSPHATE 'C10 H14 N5 O7 P'
DT DNA linking THYMIDINE-5'-MONOPHOSPHATE 'C10 H15 N2 O8 P'
SO4 non-polymer 'SULFATE ION' 'O4 S -2'
#
# COMPACT_ATOMS: atom_id res chain seq x y z
P 64T B 7 -11.07 0.52 2.33
OP1 64T B 7 -11.31 1.89 2.95
OP2 64T B 7 -9.74 -0.12 2.64
O5' 64T B 7 -11.27 0.55 0.71
C5' 64T B 7 -10.78 1.60 -0.12
C4' 64T B 7 -9.26 1.57 -0.14
O4' 64T B 7 -8.71 0.55 -1.00
C3' 64T B 7 -8.68 2.87 -0.64
O3' 64T B 7 -8.60 3.89 0.38
C2' 64T B 7 -7.29 2.40 -1.01
C1' 64T B 7 -7.35 0.88 -1.26
N1 64T B 7 -6.83 0.70 -2.64
C2 64T B 7 -5.53 0.90 -2.92
O2 64T B 7 -4.78 1.35 -2.06
N3 64T B 7 -5.04 0.75 -4.15
C4 64T B 7 -5.77 0.29 -5.18
O4 64T B 7 -5.29 0.14 -6.30
C5 64T B 7 -7.21 -0.06 -4.98
C5M 64T B 7 -7.30 -1.57 -4.98
O5 64T B 7 -7.88 0.53 -6.10
C6 64T B 7 -7.84 0.49 -3.68
P 5PY B 8 -9.37 5.31 0.24
OP2 5PY B 8 -8.39 6.41 0.55
OP1 5PY B 8 -10.68 5.20 1.00
O5' 5PY B 8 -9.73 5.43 -1.33
C5' 5PY B 8 -10.40 6.64 -1.70
C4' 5PY B 8 -10.63 6.86 -3.19
O4' 5PY B 8 -9.54 6.44 -4.02
C1' 5PY B 8 -10.00 5.65 -5.13
N1 5PY B 8 -9.54 4.29 -4.82
C2 5PY B 8 -8.14 4.04 -4.80
O2 5PY B 8 -7.31 4.96 -5.06
N3 5PY B 8 -7.67 2.81 -4.51
C4 5PY B 8 -8.46 1.76 -4.18
C5 5PY B 8 -9.94 2.02 -4.20
C5M 5PY B 8 -10.95 0.96 -3.88
C6 5PY B 8 -10.39 3.29 -4.51
C2' 5PY B 8 -11.52 5.86 -5.18
C3' 5PY B 8 -11.88 6.16 -3.72
O3' 5PY B 8 -12.94 7.10 -3.59
N GLU C 18 20.31 14.47 12.80
CA GLU C 18 19.09 13.89 12.16
C GLU C 18 18.41 14.89 11.25
N GLY C 19 18.64 14.75 9.95
CA GLY C 19 18.04 15.65 8.96
C GLY C 19 16.61 15.27 8.63
N ARG C 20 16.45 14.61 7.49
CA ARG C 20 15.17 14.27 6.93
C ARG C 20 14.40 13.25 7.81
N HIS C 21 14.04 12.13 7.22
CA HIS C 21 13.69 10.88 7.90
C HIS C 21 12.22 10.53 7.83
N MET C 22 11.36 11.48 7.42
CA MET C 22 9.94 11.17 7.09
C MET C 22 9.56 11.55 5.65
N ARG C 23 8.98 10.57 4.95
CA ARG C 23 8.40 10.80 3.64
C ARG C 23 6.90 10.84 3.78
N VAL C 24 6.26 11.47 2.79
CA VAL C 24 4.82 11.54 2.72
C VAL C 24 4.36 10.98 1.38
N GLY C 25 3.26 10.25 1.42
CA GLY C 25 2.66 9.73 0.25
C GLY C 25 1.16 9.78 0.25
N TYR C 26 0.64 9.55 -0.95
CA TYR C 26 -0.79 9.39 -1.18
C TYR C 26 -0.98 8.27 -2.24
N VAL C 27 -2.24 8.02 -2.61
CA VAL C 27 -2.69 6.74 -3.13
C VAL C 27 -3.34 6.76 -4.51
N SER C 28 -2.70 6.08 -5.47
CA SER C 28 -3.27 5.68 -6.76
C SER C 28 -3.28 6.76 -7.84
N THR C 29 -3.83 7.93 -7.56
CA THR C 29 -4.03 8.93 -8.62
C THR C 29 -4.07 10.32 -8.04
N ASN C 30 -3.90 11.33 -8.90
CA ASN C 30 -3.95 12.74 -8.49
C ASN C 30 -5.08 13.47 -9.21
N TYR C 31 -6.15 13.78 -8.47
CA TYR C 31 -7.32 14.50 -9.03
C TYR C 31 -7.01 15.88 -9.61
N SER C 32 -6.22 16.68 -8.91
CA SER C 32 -5.82 18.01 -9.40
C SER C 32 -4.90 18.01 -10.58
N LEU C 33 -5.02 17.05 -11.48
CA LEU C 33 -4.09 16.96 -12.59
C LEU C 33 -4.73 16.40 -13.86
N GLY C 34 -5.98 15.96 -13.79
CA GLY C 34 -6.70 15.49 -14.98
C GLY C 34 -5.84 14.51 -15.78
N CYS C 35 -5.42 13.44 -15.10
CA CYS C 35 -4.53 12.44 -15.66
C CYS C 35 -4.66 11.17 -14.83
N LYS C 36 -5.87 10.61 -14.89
CA LYS C 36 -6.23 9.43 -14.12
C LYS C 36 -5.22 8.30 -14.34
N ALA C 37 -4.66 7.76 -13.26
CA ALA C 37 -3.70 6.65 -13.41
C ALA C 37 -4.25 5.35 -12.94
N ASP C 38 -5.52 5.35 -12.51
CA ASP C 38 -6.17 4.14 -12.00
C ASP C 38 -7.38 3.72 -12.80
N LYS C 39 -7.32 3.90 -14.12
CA LYS C 39 -8.36 3.45 -15.02
C LYS C 39 -8.31 1.96 -15.14
N THR C 40 -9.46 1.31 -15.01
CA THR C 40 -9.59 -0.10 -15.34
C THR C 40 -10.59 -0.26 -16.50
N ILE C 41 -10.92 -1.50 -16.84
CA ILE C 41 -11.89 -1.82 -17.89
C ILE C 41 -12.74 -3.00 -17.47
N LYS C 42 -13.80 -3.31 -18.21
CA LYS C 42 -14.68 -4.40 -17.83
C LYS C 42 -14.38 -5.62 -18.68
N LEU C 43 -14.59 -6.79 -18.07
CA LEU C 43 -14.24 -8.06 -18.68
C LEU C 43 -14.72 -8.12 -20.14
N SER C 44 -15.89 -7.57 -20.40
CA SER C 44 -16.42 -7.55 -21.75
C SER C 44 -15.50 -6.83 -22.73
N SER C 45 -14.65 -5.93 -22.24
CA SER C 45 -13.71 -5.19 -23.09
C SER C 45 -12.34 -5.89 -23.21
N LEU C 46 -12.18 -7.02 -22.54
CA LEU C 46 -10.84 -7.58 -22.48
C LEU C 46 -10.23 -7.86 -23.88
N SER C 47 -9.10 -7.26 -24.18
CA SER C 47 -8.36 -7.65 -25.39
C SER C 47 -6.97 -7.09 -25.31
N GLU C 48 -6.10 -7.52 -26.19
CA GLU C 48 -4.74 -6.98 -26.18
C GLU C 48 -4.71 -5.46 -26.36
N GLU C 49 -5.53 -4.93 -27.26
CA GLU C 49 -5.54 -3.51 -27.56
C GLU C 49 -6.06 -2.71 -26.40
N ARG C 50 -7.19 -3.15 -25.83
CA ARG C 50 -7.76 -2.37 -24.74
C ARG C 50 -6.81 -2.36 -23.59
N VAL C 51 -6.32 -3.54 -23.19
CA VAL C 51 -5.37 -3.60 -22.08
C VAL C 51 -4.14 -2.69 -22.28
N LEU C 52 -3.55 -2.67 -23.47
CA LEU C 52 -2.38 -1.85 -23.73
C LEU C 52 -2.69 -0.36 -23.72
N LYS C 53 -3.78 0.02 -24.34
CA LYS C 53 -4.19 1.41 -24.35
C LYS C 53 -4.35 1.91 -22.91
N VAL C 54 -5.20 1.28 -22.12
CA VAL C 54 -5.41 1.77 -20.77
C VAL C 54 -4.17 1.66 -19.91
N SER C 55 -3.36 0.64 -20.15
CA SER C 55 -2.13 0.44 -19.38
C SER C 55 -1.19 1.57 -19.71
N SER C 56 -0.96 1.83 -20.99
CA SER C 56 -0.15 3.01 -21.38
C SER C 56 -0.62 4.34 -20.77
N SER C 57 -1.93 4.61 -20.81
CA SER C 57 -2.37 5.91 -20.28
C SER C 57 -2.22 5.97 -18.76
N ASN C 58 -2.55 4.91 -18.05
CA ASN C 58 -2.30 4.88 -16.60
C ASN C 58 -0.83 5.18 -16.31
N LEU C 59 0.04 4.44 -16.99
CA LEU C 59 1.50 4.62 -16.82
C LEU C 59 2.06 5.99 -17.28
N LEU C 60 1.58 6.55 -18.39
CA LEU C 60 1.98 7.91 -18.71
C LEU C 60 1.60 8.90 -17.63
N CYS C 61 0.41 8.69 -17.05
CA CYS C 61 -0.05 9.53 -15.96
C CYS C 61 0.69 9.28 -14.73
N LEU C 62 1.16 8.05 -14.54
CA LEU C 62 1.87 7.73 -13.30
C LEU C 62 3.24 8.43 -13.34
N LYS C 63 3.83 8.47 -14.51
CA LYS C 63 5.11 9.11 -14.63
C LYS C 63 4.89 10.54 -14.19
N ASN C 64 3.88 11.15 -14.79
CA ASN C 64 3.53 12.54 -14.52
C ASN C 64 3.23 12.74 -13.08
N ILE C 65 2.42 11.88 -12.49
CA ILE C 65 2.11 11.97 -11.08
C ILE C 65 3.37 11.91 -10.25
N LEU C 66 4.30 11.03 -10.59
CA LEU C 66 5.53 10.98 -9.81
C LEU C 66 6.42 12.19 -10.06
N GLU C 67 6.37 12.79 -11.24
CA GLU C 67 7.16 14.01 -11.50
C GLU C 67 6.62 15.17 -10.66
N TRP C 68 5.31 15.26 -10.59
CA TRP C 68 4.68 16.27 -9.79
C TRP C 68 4.97 16.02 -8.32
N ASN C 69 4.89 14.78 -7.86
CA ASN C 69 5.17 14.49 -6.45
C ASN C 69 6.54 14.97 -6.04
N LEU C 70 7.55 14.66 -6.83
CA LEU C 70 8.90 15.11 -6.50
C LEU C 70 8.93 16.61 -6.45
N LYS C 71 8.30 17.25 -7.44
CA LYS C 71 8.31 18.70 -7.50
C LYS C 71 7.82 19.23 -6.20
N HIS C 72 6.86 18.58 -5.55
CA HIS C 72 6.23 19.08 -4.31
C HIS C 72 6.64 18.31 -3.04
N GLU C 73 7.79 17.63 -3.12
CA GLU C 73 8.42 16.97 -1.96
C GLU C 73 7.57 15.86 -1.34
N ILE C 74 6.87 15.12 -2.20
CA ILE C 74 6.11 13.93 -1.86
C ILE C 74 6.83 12.69 -2.42
N LEU C 75 7.65 12.03 -1.63
CA LEU C 75 8.51 10.97 -2.15
C LEU C 75 8.01 9.53 -1.87
N PHE C 76 6.75 9.42 -1.43
CA PHE C 76 6.14 8.12 -1.16
C PHE C 76 4.90 8.00 -2.00
N PHE C 77 4.60 6.82 -2.49
CA PHE C 77 3.41 6.68 -3.29
C PHE C 77 2.90 5.24 -3.38
N ARG C 78 1.59 5.07 -3.30
CA ARG C 78 0.98 3.78 -3.43
C ARG C 78 0.40 3.60 -4.81
N ILE C 79 0.97 2.71 -5.59
CA ILE C 79 0.56 2.54 -6.97
C ILE C 79 -0.74 1.79 -7.13
N SER C 80 -1.56 2.30 -8.03
CA SER C 80 -2.84 1.67 -8.25
C SER C 80 -2.64 0.25 -8.73
N SER C 81 -3.49 -0.63 -8.18
CA SER C 81 -3.61 -2.02 -8.62
C SER C 81 -4.25 -2.14 -9.99
N ASN C 82 -4.95 -1.09 -10.42
CA ASN C 82 -5.54 -1.04 -11.77
C ASN C 82 -4.56 -0.71 -12.88
N THR C 83 -3.28 -0.57 -12.54
CA THR C 83 -2.33 -0.03 -13.48
C THR C 83 -2.36 -0.81 -14.80
N ILE C 84 -2.32 -2.14 -14.70
CA ILE C 84 -2.53 -3.05 -15.82
C ILE C 84 -3.86 -3.76 -15.62
N PRO C 85 -4.95 -3.22 -16.17
CA PRO C 85 -6.25 -3.71 -15.73
C PRO C 85 -6.44 -5.18 -15.99
N LEU C 86 -6.99 -5.88 -15.00
CA LEU C 86 -7.42 -7.29 -15.10
C LEU C 86 -6.27 -8.26 -15.27
N ALA C 87 -5.07 -7.83 -14.92
CA ALA C 87 -3.90 -8.62 -15.18
C ALA C 87 -3.96 -10.01 -14.53
N SER C 88 -4.56 -10.08 -13.34
CA SER C 88 -4.69 -11.35 -12.63
C SER C 88 -5.85 -12.20 -13.11
N HIS C 89 -6.84 -11.62 -13.77
CA HIS C 89 -8.00 -12.39 -14.25
C HIS C 89 -7.53 -13.58 -15.10
N PRO C 90 -8.19 -14.76 -14.95
CA PRO C 90 -7.61 -15.96 -15.56
C PRO C 90 -7.75 -15.97 -17.06
N LYS C 91 -8.72 -15.20 -17.57
CA LYS C 91 -8.90 -15.01 -19.01
C LYS C 91 -7.95 -13.98 -19.65
N PHE C 92 -7.08 -13.38 -18.83
CA PHE C 92 -6.16 -12.34 -19.28
C PHE C 92 -4.89 -13.00 -19.69
N HIS C 93 -4.52 -12.82 -20.97
CA HIS C 93 -3.30 -13.36 -21.57
C HIS C 93 -2.71 -12.34 -22.50
N VAL C 94 -2.30 -11.20 -21.96
CA VAL C 94 -1.64 -10.11 -22.70
C VAL C 94 -0.22 -9.87 -22.20
N ASN C 95 0.73 -9.79 -23.12
CA ASN C 95 2.14 -9.74 -22.82
C ASN C 95 2.53 -8.30 -22.63
N TRP C 96 1.98 -7.73 -21.56
CA TRP C 96 2.25 -6.34 -21.19
C TRP C 96 3.68 -6.09 -20.71
N LYS C 97 4.27 -7.05 -20.02
CA LYS C 97 5.69 -7.02 -19.67
C LYS C 97 6.63 -6.67 -20.79
N ASP C 98 6.49 -7.29 -21.97
CA ASP C 98 7.37 -6.96 -23.11
C ASP C 98 6.93 -5.71 -23.82
N LYS C 99 5.63 -5.61 -24.06
CA LYS C 99 5.15 -4.53 -24.90
C LYS C 99 5.42 -3.18 -24.20
N LEU C 100 5.20 -3.12 -22.90
CA LEU C 100 5.33 -1.86 -22.17
C LEU C 100 6.65 -1.73 -21.41
N SER C 101 7.65 -2.54 -21.76
CA SER C 101 8.90 -2.58 -20.99
C SER C 101 9.60 -1.22 -20.94
N HIS C 102 9.49 -0.44 -21.99
CA HIS C 102 10.19 0.83 -22.01
C HIS C 102 9.61 1.79 -20.99
N ILE C 103 8.32 2.10 -21.07
CA ILE C 103 7.73 2.99 -20.08
C ILE C 103 7.97 2.51 -18.65
N LEU C 104 7.77 1.20 -18.45
CA LEU C 104 7.87 0.61 -17.13
C LEU C 104 9.26 0.79 -16.53
N GLY C 105 10.28 0.61 -17.37
CA GLY C 105 11.66 0.83 -16.98
C GLY C 105 11.89 2.30 -16.69
N ASP C 106 11.34 3.15 -17.54
CA ASP C 106 11.52 4.58 -17.42
C ASP C 106 10.95 5.08 -16.07
N ILE C 107 9.77 4.62 -15.70
CA ILE C 107 9.16 4.97 -14.42
C ILE C 107 10.00 4.47 -13.24
N GLY C 108 10.57 3.30 -13.38
CA GLY C 108 11.39 2.73 -12.28
C GLY C 108 12.67 3.51 -12.09
N ASP C 109 13.36 3.81 -13.19
CA ASP C 109 14.59 4.59 -13.13
C ASP C 109 14.32 5.90 -12.45
N PHE C 110 13.19 6.52 -12.71
CA PHE C 110 12.87 7.78 -12.05
C PHE C 110 12.66 7.55 -10.53
N ILE C 111 11.82 6.57 -10.19
CA ILE C 111 11.56 6.25 -8.78
C ILE C 111 12.85 6.07 -7.97
N LYS C 112 13.84 5.42 -8.59
CA LYS C 112 15.10 5.08 -7.91
C LYS C 112 16.11 6.24 -7.93
N GLU C 113 16.25 6.90 -9.09
CA GLU C 113 17.06 8.11 -9.25
C GLU C 113 16.65 9.20 -8.27
N ASN C 114 15.35 9.35 -8.05
CA ASN C 114 14.85 10.39 -7.18
C ASN C 114 14.40 9.93 -5.80
N SER C 115 14.74 8.68 -5.46
CA SER C 115 14.63 8.16 -4.08
C SER C 115 13.17 8.07 -3.55
N ILE C 116 12.32 7.48 -4.39
CA ILE C 116 10.91 7.40 -4.12
C ILE C 116 10.56 6.04 -3.59
N ARG C 117 9.75 6.02 -2.52
CA ARG C 117 9.29 4.80 -1.87
C ARG C 117 7.99 4.37 -2.51
N ILE C 118 7.78 3.07 -2.69
CA ILE C 118 6.60 2.60 -3.42
C ILE C 118 5.84 1.54 -2.63
N SER C 119 4.52 1.60 -2.71
CA SER C 119 3.74 0.53 -2.16
C SER C 119 2.53 0.30 -3.03
N MET C 120 1.88 -0.83 -2.76
CA MET C 120 0.66 -1.22 -3.42
C MET C 120 -0.20 -1.93 -2.43
N HIS C 121 -1.51 -1.88 -2.65
CA HIS C 121 -2.48 -2.46 -1.74
C HIS C 121 -3.59 -3.11 -2.51
N PRO C 122 -3.34 -4.34 -3.00
CA PRO C 122 -4.07 -5.13 -4.00
C PRO C 122 -5.54 -5.39 -3.70
N GLY C 123 -6.03 -4.98 -2.55
CA GLY C 123 -7.44 -4.93 -2.36
C GLY C 123 -7.94 -6.13 -1.60
N GLN C 124 -9.25 -6.13 -1.47
CA GLN C 124 -10.01 -6.91 -0.49
C GLN C 124 -10.28 -8.34 -0.91
N TYR C 125 -10.18 -8.59 -2.21
CA TYR C 125 -10.34 -9.92 -2.77
C TYR C 125 -9.13 -10.77 -2.54
N VAL C 126 -8.05 -10.20 -1.98
CA VAL C 126 -6.88 -10.99 -1.60
C VAL C 126 -6.98 -11.49 -0.13
N VAL C 127 -7.41 -12.74 0.00
CA VAL C 127 -7.54 -13.42 1.28
C VAL C 127 -6.62 -14.64 1.25
N LEU C 128 -5.40 -14.45 1.73
CA LEU C 128 -4.34 -15.45 1.60
C LEU C 128 -4.53 -16.56 2.63
N ASN C 129 -5.28 -16.24 3.69
CA ASN C 129 -5.62 -17.24 4.67
C ASN C 129 -7.00 -17.79 4.45
N SER C 130 -7.42 -17.97 3.19
CA SER C 130 -8.77 -18.50 2.94
C SER C 130 -8.88 -19.97 3.31
N VAL C 131 -10.11 -20.43 3.55
CA VAL C 131 -10.37 -21.87 3.80
C VAL C 131 -10.63 -22.56 2.48
N ARG C 132 -11.17 -21.81 1.52
CA ARG C 132 -11.38 -22.26 0.17
C ARG C 132 -10.07 -22.14 -0.58
N GLU C 133 -9.54 -23.26 -1.05
CA GLU C 133 -8.33 -23.25 -1.89
C GLU C 133 -8.44 -22.30 -3.09
N GLU C 134 -9.55 -22.33 -3.82
CA GLU C 134 -9.67 -21.47 -5.01
C GLU C 134 -9.25 -20.03 -4.71
N VAL C 135 -9.72 -19.50 -3.59
CA VAL C 135 -9.48 -18.12 -3.23
C VAL C 135 -8.04 -17.90 -2.83
N VAL C 136 -7.41 -18.92 -2.28
CA VAL C 136 -6.00 -18.81 -2.01
C VAL C 136 -5.25 -18.70 -3.33
N ARG C 137 -5.50 -19.63 -4.23
CA ARG C 137 -4.79 -19.63 -5.49
C ARG C 137 -5.06 -18.31 -6.24
N SER C 138 -6.30 -17.83 -6.21
CA SER C 138 -6.60 -16.60 -6.94
C SER C 138 -5.96 -15.43 -6.18
N SER C 139 -5.96 -15.49 -4.87
CA SER C 139 -5.24 -14.47 -4.08
C SER C 139 -3.79 -14.38 -4.48
N ILE C 140 -3.15 -15.51 -4.72
CA ILE C 140 -1.74 -15.54 -5.05
C ILE C 140 -1.48 -14.99 -6.45
N MET C 141 -2.44 -15.18 -7.34
CA MET C 141 -2.25 -14.68 -8.68
C MET C 141 -2.29 -13.14 -8.67
N GLU C 142 -3.16 -12.58 -7.82
CA GLU C 142 -3.29 -11.13 -7.75
C GLU C 142 -2.01 -10.57 -7.16
N LEU C 143 -1.50 -11.19 -6.10
CA LEU C 143 -0.17 -10.86 -5.55
C LEU C 143 0.95 -11.04 -6.59
N LYS C 144 0.84 -12.07 -7.42
CA LYS C 144 1.84 -12.28 -8.43
C LYS C 144 1.91 -11.09 -9.39
N TYR C 145 0.76 -10.52 -9.68
CA TYR C 145 0.73 -9.46 -10.65
C TYR C 145 1.40 -8.27 -10.02
N HIS C 146 1.04 -8.01 -8.78
CA HIS C 146 1.68 -6.93 -8.04
C HIS C 146 3.20 -7.03 -8.01
N ALA C 147 3.71 -8.22 -7.77
CA ALA C 147 5.14 -8.43 -7.76
C ALA C 147 5.71 -8.30 -9.18
N ASP C 148 5.04 -8.89 -10.16
CA ASP C 148 5.49 -8.76 -11.55
C ASP C 148 5.61 -7.29 -12.00
N LEU C 149 4.68 -6.47 -11.53
CA LEU C 149 4.61 -5.11 -11.98
C LEU C 149 5.83 -4.44 -11.48
N LEU C 150 6.06 -4.63 -10.19
CA LEU C 150 7.15 -3.98 -9.54
C LEU C 150 8.52 -4.43 -10.09
N ASP C 151 8.68 -5.70 -10.40
CA ASP C 151 9.92 -6.15 -11.03
C ASP C 151 10.04 -5.47 -12.35
N SER C 152 8.94 -5.30 -13.07
CA SER C 152 9.02 -4.73 -14.41
C SER C 152 9.53 -3.30 -14.34
N MET C 153 9.35 -2.64 -13.19
CA MET C 153 9.93 -1.34 -13.02
C MET C 153 11.34 -1.44 -12.43
N GLY C 154 11.80 -2.66 -12.15
CA GLY C 154 13.12 -2.86 -11.56
C GLY C 154 13.22 -2.19 -10.20
N ILE C 155 12.17 -2.30 -9.40
CA ILE C 155 12.15 -1.77 -8.03
C ILE C 155 11.71 -2.78 -6.98
N GLU C 156 11.94 -2.48 -5.72
CA GLU C 156 11.46 -3.39 -4.71
C GLU C 156 10.00 -3.08 -4.35
N GLY C 157 9.75 -2.17 -3.43
CA GLY C 157 8.39 -1.87 -3.01
C GLY C 157 7.78 -2.86 -2.04
N LYS C 158 6.84 -2.40 -1.21
CA LYS C 158 6.04 -3.30 -0.36
C LYS C 158 4.68 -3.51 -0.96
N ILE C 159 4.16 -4.74 -0.86
CA ILE C 159 2.77 -5.07 -1.17
C ILE C 159 2.06 -5.32 0.16
N GLN C 160 1.15 -4.43 0.55
CA GLN C 160 0.41 -4.60 1.83
C GLN C 160 -0.89 -5.32 1.64
N ILE C 161 -1.22 -6.18 2.61
CA ILE C 161 -2.50 -6.88 2.71
C ILE C 161 -2.99 -7.05 4.14
N HIS C 162 -4.26 -7.40 4.28
CA HIS C 162 -4.77 -7.71 5.57
C HIS C 162 -4.52 -9.16 5.78
N VAL C 163 -4.60 -9.60 7.01
CA VAL C 163 -4.44 -11.00 7.29
C VAL C 163 -5.49 -11.84 6.54
N GLY C 164 -6.73 -11.36 6.46
CA GLY C 164 -7.76 -12.07 5.72
C GLY C 164 -8.98 -12.44 6.54
N SER C 165 -9.45 -13.66 6.38
CA SER C 165 -10.72 -14.06 6.95
C SER C 165 -10.52 -14.53 8.36
N SER C 166 -11.63 -14.67 9.08
CA SER C 166 -11.63 -15.16 10.46
C SER C 166 -12.13 -16.60 10.61
N MET C 167 -12.62 -17.21 9.53
CA MET C 167 -13.32 -18.51 9.67
C MET C 167 -12.59 -19.51 10.56
N ASN C 168 -13.37 -20.16 11.44
CA ASN C 168 -12.90 -21.13 12.46
C ASN C 168 -12.10 -20.46 13.54
N GLY C 169 -12.37 -19.17 13.76
CA GLY C 169 -11.68 -18.41 14.78
C GLY C 169 -10.24 -18.02 14.44
N LYS C 170 -9.68 -17.20 15.30
CA LYS C 170 -8.42 -16.57 15.00
C LYS C 170 -7.28 -17.55 14.83
N GLU C 171 -6.82 -18.20 15.89
CA GLU C 171 -5.53 -18.88 15.75
C GLU C 171 -5.44 -19.91 14.62
N GLU C 172 -6.57 -20.48 14.20
CA GLU C 172 -6.55 -21.26 12.95
C GLU C 172 -6.31 -20.34 11.76
N SER C 173 -7.14 -19.31 11.64
CA SER C 173 -6.96 -18.22 10.67
C SER C 173 -5.50 -17.75 10.60
N LEU C 174 -4.92 -17.40 11.74
CA LEU C 174 -3.52 -16.98 11.78
C LEU C 174 -2.60 -18.04 11.23
N ASN C 175 -2.86 -19.29 11.58
CA ASN C 175 -2.03 -20.38 11.08
C ASN C 175 -2.27 -20.64 9.59
N ARG C 176 -3.50 -20.43 9.13
CA ARG C 176 -3.77 -20.59 7.72
C ARG C 176 -2.91 -19.56 7.02
N PHE C 177 -2.92 -18.34 7.57
CA PHE C 177 -2.05 -17.33 7.06
C PHE C 177 -0.59 -17.78 7.03
N ILE C 178 -0.10 -18.22 8.18
CA ILE C 178 1.30 -18.58 8.25
C ILE C 178 1.64 -19.67 7.26
N GLU C 179 0.82 -20.71 7.20
CA GLU C 179 1.17 -21.89 6.41
C GLU C 179 1.25 -21.47 4.97
N ASN C 180 0.28 -20.67 4.57
CA ASN C 180 0.22 -20.20 3.20
C ASN C 180 1.36 -19.24 2.89
N PHE C 181 1.54 -18.24 3.74
CA PHE C 181 2.64 -17.33 3.53
C PHE C 181 3.84 -18.16 3.23
N ARG C 182 4.14 -19.05 4.16
CA ARG C 182 5.35 -19.84 4.10
C ARG C 182 5.55 -20.61 2.81
N LYS C 183 4.51 -20.73 1.98
CA LYS C 183 4.56 -21.45 0.72
C LYS C 183 4.76 -20.59 -0.52
N LEU C 184 4.53 -19.28 -0.39
CA LEU C 184 4.60 -18.33 -1.52
C LEU C 184 5.95 -18.33 -2.22
N PRO C 185 5.97 -17.98 -3.51
CA PRO C 185 7.27 -17.68 -4.11
C PRO C 185 8.02 -16.46 -3.48
N SER C 186 9.34 -16.57 -3.48
CA SER C 186 10.22 -15.53 -2.99
C SER C 186 9.69 -14.17 -3.31
N ASN C 187 9.57 -13.90 -4.61
CA ASN C 187 9.52 -12.52 -4.99
C ASN C 187 8.13 -11.95 -4.80
N ILE C 188 7.20 -12.77 -4.36
CA ILE C 188 6.07 -12.20 -3.63
C ILE C 188 6.33 -12.04 -2.14
N SER C 189 6.83 -13.07 -1.49
CA SER C 189 6.94 -13.04 -0.01
C SER C 189 7.88 -11.94 0.48
N LYS C 190 8.93 -11.68 -0.29
CA LYS C 190 9.91 -10.68 0.02
C LYS C 190 9.33 -9.27 0.01
N ARG C 191 8.27 -9.06 -0.73
CA ARG C 191 7.65 -7.74 -0.75
C ARG C 191 6.52 -7.58 0.23
N LEU C 192 6.12 -8.67 0.86
CA LEU C 192 4.84 -8.69 1.54
C LEU C 192 4.91 -8.08 2.93
N VAL C 193 4.04 -7.14 3.21
CA VAL C 193 3.85 -6.69 4.57
C VAL C 193 2.38 -6.80 4.93
N ILE C 194 2.02 -6.84 6.22
CA ILE C 194 0.59 -6.93 6.62
C ILE C 194 0.16 -5.77 7.46
N GLU C 195 -1.11 -5.41 7.34
CA GLU C 195 -1.70 -4.26 8.00
C GLU C 195 -2.70 -4.73 9.08
N ASN C 196 -2.72 -4.07 10.22
CA ASN C 196 -3.79 -4.30 11.18
C ASN C 196 -5.15 -3.70 10.73
N ASP C 197 -6.25 -4.36 11.07
CA ASP C 197 -7.58 -3.91 10.63
C ASP C 197 -8.49 -3.41 11.79
N ASP C 198 -9.66 -2.85 11.43
CA ASP C 198 -10.59 -2.26 12.42
C ASP C 198 -11.63 -3.26 12.96
N LYS C 199 -11.61 -4.51 12.49
CA LYS C 199 -12.58 -5.55 12.96
C LYS C 199 -11.97 -6.71 13.75
N VAL C 200 -11.08 -7.47 13.12
CA VAL C 200 -10.61 -8.74 13.68
C VAL C 200 -9.17 -8.71 14.20
N PHE C 201 -8.22 -8.61 13.27
CA PHE C 201 -6.79 -8.77 13.58
C PHE C 201 -6.13 -7.44 13.94
N SER C 202 -5.83 -7.29 15.22
CA SER C 202 -5.18 -6.10 15.69
C SER C 202 -3.71 -6.25 15.46
N VAL C 203 -3.00 -5.17 15.78
CA VAL C 203 -1.55 -5.17 15.75
C VAL C 203 -0.94 -6.37 16.52
N LYS C 204 -1.46 -6.64 17.73
CA LYS C 204 -0.94 -7.73 18.55
C LYS C 204 -0.96 -9.02 17.78
N ASP C 205 -2.03 -9.22 17.02
CA ASP C 205 -2.11 -10.38 16.12
C ASP C 205 -1.07 -10.33 15.03
N CYS C 206 -0.96 -9.18 14.38
CA CYS C 206 -0.02 -9.04 13.27
C CYS C 206 1.39 -9.39 13.74
N LEU C 207 1.79 -8.83 14.90
CA LEU C 207 3.08 -9.12 15.53
C LEU C 207 3.27 -10.60 15.80
N TRP C 208 2.20 -11.21 16.28
CA TRP C 208 2.20 -12.65 16.47
C TRP C 208 2.70 -13.29 15.20
N ILE C 209 2.16 -12.87 14.06
CA ILE C 209 2.57 -13.44 12.77
C ILE C 209 4.00 -13.08 12.44
N SER C 210 4.31 -11.80 12.48
CA SER C 210 5.66 -11.38 12.20
C SER C 210 6.66 -12.23 12.95
N GLU C 211 6.42 -12.43 14.24
CA GLU C 211 7.34 -13.22 15.10
C GLU C 211 7.59 -14.61 14.49
N ARG C 212 6.57 -15.18 13.86
CA ARG C 212 6.71 -16.49 13.23
C ARG C 212 7.14 -16.53 11.76
N THR C 213 7.29 -15.36 11.12
CA THR C 213 7.38 -15.27 9.65
C THR C 213 8.44 -14.28 9.12
N GLY C 214 8.71 -13.24 9.91
CA GLY C 214 9.57 -12.14 9.49
C GLY C 214 8.85 -11.10 8.66
N ILE C 215 7.52 -11.09 8.70
CA ILE C 215 6.75 -10.20 7.84
C ILE C 215 6.67 -8.85 8.50
N PRO C 216 7.04 -7.79 7.75
CA PRO C 216 6.91 -6.47 8.28
C PRO C 216 5.48 -6.04 8.50
N VAL C 217 5.21 -5.44 9.63
CA VAL C 217 3.88 -5.00 9.98
C VAL C 217 3.73 -3.50 9.70
N ILE C 218 2.61 -3.13 9.10
CA ILE C 218 2.26 -1.75 8.87
C ILE C 218 1.19 -1.32 9.89
N PHE C 219 1.50 -0.25 10.58
CA PHE C 219 0.58 0.27 11.55
C PHE C 219 -0.39 1.20 10.86
N ASP C 220 -1.66 0.82 10.80
CA ASP C 220 -2.69 1.80 10.44
C ASP C 220 -3.23 2.45 11.72
N ASN C 221 -2.91 3.72 11.92
CA ASN C 221 -3.26 4.43 13.17
C ASN C 221 -4.74 4.38 13.55
N LEU C 222 -5.62 4.61 12.58
CA LEU C 222 -7.05 4.70 12.85
C LEU C 222 -7.61 3.33 13.23
N HIS C 223 -7.25 2.30 12.46
CA HIS C 223 -7.70 0.94 12.75
C HIS C 223 -7.23 0.50 14.15
N HIS C 224 -6.17 1.14 14.67
CA HIS C 224 -5.59 0.80 15.98
C HIS C 224 -6.25 1.54 17.17
N SER C 225 -6.51 2.84 17.01
CA SER C 225 -7.26 3.58 18.05
C SER C 225 -8.70 3.00 18.17
N ILE C 226 -9.10 2.27 17.13
CA ILE C 226 -10.38 1.60 17.06
C ILE C 226 -10.32 0.13 17.45
N LEU C 227 -9.16 -0.50 17.31
CA LEU C 227 -9.00 -1.90 17.76
C LEU C 227 -7.58 -2.16 18.27
N ASN C 228 -7.44 -2.03 19.59
CA ASN C 228 -6.16 -2.12 20.29
C ASN C 228 -6.24 -3.11 21.43
N ASN C 229 -5.07 -3.43 21.97
CA ASN C 229 -4.98 -4.06 23.28
C ASN C 229 -4.30 -3.06 24.22
N GLY C 230 -4.81 -1.82 24.21
CA GLY C 230 -4.32 -0.75 25.07
C GLY C 230 -2.89 -0.26 24.83
N GLU C 231 -2.35 -0.49 23.64
CA GLU C 231 -1.01 -0.02 23.34
C GLU C 231 -1.10 1.47 22.99
N SER C 232 -0.25 2.28 23.60
CA SER C 232 -0.21 3.68 23.24
C SER C 232 0.56 3.80 21.95
N LEU C 233 0.26 4.85 21.19
CA LEU C 233 0.89 5.08 19.90
C LEU C 233 2.39 4.77 19.94
N ASN C 234 3.12 5.33 20.91
CA ASN C 234 4.59 5.17 20.99
C ASN C 234 5.05 3.78 21.37
N ASP C 235 4.21 3.06 22.09
CA ASP C 235 4.51 1.65 22.41
C ASP C 235 4.33 0.78 21.17
N ALA C 236 3.20 1.01 20.50
CA ALA C 236 2.83 0.25 19.31
C ALA C 236 3.89 0.38 18.20
N LEU C 237 4.23 1.62 17.90
CA LEU C 237 5.30 1.93 16.95
C LEU C 237 6.58 1.21 17.28
N SER C 238 6.99 1.32 18.53
CA SER C 238 8.26 0.77 18.92
C SER C 238 8.42 -0.71 18.53
N LEU C 239 7.32 -1.47 18.59
CA LEU C 239 7.36 -2.94 18.47
C LEU C 239 7.34 -3.32 17.04
N VAL C 240 6.50 -2.62 16.28
CA VAL C 240 6.44 -2.70 14.83
C VAL C 240 7.80 -2.45 14.20
N ARG C 241 8.42 -1.35 14.60
CA ARG C 241 9.71 -0.95 14.05
C ARG C 241 10.61 -2.16 13.91
N ARG C 242 10.59 -3.01 14.94
CA ARG C 242 11.45 -4.18 15.05
C ARG C 242 11.20 -5.19 13.93
N THR C 243 9.97 -5.17 13.39
CA THR C 243 9.57 -6.05 12.27
C THR C 243 10.03 -5.55 10.88
N TRP C 244 10.60 -4.35 10.82
CA TRP C 244 11.14 -3.83 9.56
C TRP C 244 12.67 -3.84 9.45
N LYS C 245 13.20 -4.47 8.40
CA LYS C 245 14.62 -4.40 8.06
C LYS C 245 15.01 -2.96 7.77
N ASP C 246 14.31 -2.32 6.87
CA ASP C 246 14.51 -0.90 6.62
C ASP C 246 13.45 0.02 7.30
N ARG C 247 13.16 1.18 6.72
CA ARG C 247 12.43 2.20 7.44
C ARG C 247 10.92 1.98 7.35
N PRO C 248 10.27 1.78 8.50
CA PRO C 248 8.83 1.47 8.53
C PRO C 248 7.97 2.41 7.73
N MET C 249 6.93 1.86 7.13
CA MET C 249 5.81 2.63 6.57
C MET C 249 4.70 2.64 7.60
N ILE C 250 3.82 3.63 7.53
CA ILE C 250 2.49 3.51 8.14
C ILE C 250 1.41 4.17 7.36
N ASP C 251 0.19 3.78 7.68
CA ASP C 251 -0.97 4.40 7.10
C ASP C 251 -1.48 5.34 8.12
N TYR C 252 -1.63 6.60 7.71
CA TYR C 252 -2.36 7.57 8.49
C TYR C 252 -3.67 7.90 7.80
N SER C 253 -4.76 7.67 8.51
CA SER C 253 -6.08 8.15 8.13
C SER C 253 -6.69 8.93 9.32
N GLU C 254 -7.86 9.53 9.10
CA GLU C 254 -8.66 10.09 10.20
C GLU C 254 -10.12 9.73 10.00
N GLN C 255 -10.87 9.75 11.09
CA GLN C 255 -12.30 9.46 11.04
C GLN C 255 -13.03 10.55 10.29
N GLU C 256 -14.13 10.21 9.62
CA GLU C 256 -15.08 11.22 9.14
C GLU C 256 -16.07 11.51 10.27
N PRO C 257 -16.07 12.76 10.81
CA PRO C 257 -16.83 13.09 12.04
C PRO C 257 -18.23 12.46 12.16
N GLY C 258 -18.49 11.75 13.26
CA GLY C 258 -19.74 11.03 13.45
C GLY C 258 -20.12 10.18 12.25
N GLU C 259 -19.42 9.05 12.09
CA GLU C 259 -19.86 7.96 11.21
C GLU C 259 -19.54 6.67 11.94
N LYS C 260 -20.11 5.55 11.47
CA LYS C 260 -19.79 4.23 12.04
C LYS C 260 -18.30 4.03 11.80
N PRO C 261 -17.48 4.09 12.89
CA PRO C 261 -16.04 4.28 12.72
C PRO C 261 -15.33 3.37 11.69
N GLY C 262 -14.27 3.88 11.07
CA GLY C 262 -13.58 3.20 9.97
C GLY C 262 -13.74 3.96 8.66
N VAL C 263 -14.62 4.95 8.65
CA VAL C 263 -14.83 5.80 7.48
C VAL C 263 -13.74 6.86 7.35
N HIS C 264 -13.01 6.81 6.24
CA HIS C 264 -11.91 7.73 6.04
C HIS C 264 -12.42 9.17 5.80
N ALA C 265 -11.92 10.10 6.63
CA ALA C 265 -12.10 11.54 6.44
C ALA C 265 -11.85 11.98 5.01
N THR C 266 -12.56 13.00 4.55
CA THR C 266 -12.35 13.45 3.16
C THR C 266 -11.09 14.30 3.06
N THR C 267 -10.53 14.66 4.21
CA THR C 267 -9.22 15.27 4.25
C THR C 267 -8.60 15.20 5.65
N ILE C 268 -7.33 15.55 5.75
CA ILE C 268 -6.63 15.48 7.03
C ILE C 268 -6.73 16.81 7.77
N ASN C 269 -6.93 16.72 9.08
CA ASN C 269 -6.88 17.87 9.97
C ASN C 269 -5.42 18.22 10.31
N GLU C 270 -4.97 19.37 9.81
CA GLU C 270 -3.58 19.81 9.93
C GLU C 270 -3.01 19.80 11.37
N GLU C 271 -3.88 19.86 12.39
CA GLU C 271 -3.47 19.84 13.80
C GLU C 271 -3.36 18.41 14.33
N ASN C 272 -4.34 17.59 13.99
CA ASN C 272 -4.30 16.18 14.34
C ASN C 272 -3.02 15.53 13.83
N PHE C 273 -2.69 15.88 12.59
CA PHE C 273 -1.45 15.44 11.97
C PHE C 273 -0.22 15.92 12.73
N ARG C 274 -0.14 17.19 13.13
CA ARG C 274 0.98 17.62 13.99
C ARG C 274 1.06 16.75 15.22
N ARG C 275 -0.01 16.73 16.01
CA ARG C 275 -0.02 15.96 17.26
C ARG C 275 0.61 14.59 17.01
N PHE C 276 0.09 13.89 16.01
CA PHE C 276 0.63 12.61 15.56
C PHE C 276 2.09 12.63 15.09
N VAL C 277 2.40 13.32 13.99
CA VAL C 277 3.76 13.22 13.43
C VAL C 277 4.84 13.58 14.41
N ASN C 278 4.44 14.24 15.49
CA ASN C 278 5.37 14.86 16.41
C ASN C 278 5.83 13.93 17.52
N GLU C 279 5.14 12.82 17.67
CA GLU C 279 5.54 11.79 18.59
C GLU C 279 6.26 10.67 17.84
N VAL C 280 6.73 10.98 16.62
CA VAL C 280 7.24 9.98 15.69
C VAL C 280 8.30 10.54 14.76
N ASP C 281 9.34 9.75 14.50
CA ASP C 281 10.28 10.04 13.43
C ASP C 281 10.67 8.76 12.71
N GLU C 282 11.45 8.89 11.63
CA GLU C 282 12.06 7.74 10.97
C GLU C 282 11.02 6.69 10.46
N VAL C 283 10.00 7.19 9.77
CA VAL C 283 8.97 6.38 9.10
C VAL C 283 8.52 7.12 7.87
N ASP C 284 7.86 6.43 6.94
CA ASP C 284 7.20 7.08 5.82
C ASP C 284 5.69 6.93 5.93
N ILE C 285 4.94 7.95 5.58
CA ILE C 285 3.54 7.90 5.87
C ILE C 285 2.69 7.88 4.63
N MET C 286 1.76 6.93 4.57
CA MET C 286 0.77 6.94 3.52
C MET C 286 -0.51 7.59 4.01
N LEU C 287 -1.03 8.52 3.23
CA LEU C 287 -2.26 9.22 3.60
C LEU C 287 -3.42 8.58 2.91
N GLU C 288 -4.36 8.09 3.72
CA GLU C 288 -5.55 7.42 3.25
C GLU C 288 -6.75 8.35 3.48
N VAL C 289 -7.02 9.20 2.48
CA VAL C 289 -8.12 10.15 2.52
C VAL C 289 -8.60 10.44 1.12
N LYS C 290 -9.87 10.78 0.99
CA LYS C 290 -10.48 10.93 -0.33
C LYS C 290 -9.79 12.01 -1.19
N ASP C 291 -9.37 13.11 -0.58
CA ASP C 291 -8.84 14.24 -1.34
C ASP C 291 -7.35 14.11 -1.74
N LYS C 292 -6.77 12.93 -1.48
CA LYS C 292 -5.46 12.49 -2.02
C LYS C 292 -4.38 13.55 -1.96
N GLU C 293 -4.03 14.15 -3.10
CA GLU C 293 -2.86 15.05 -3.14
C GLU C 293 -2.98 16.27 -2.25
N ILE C 294 -4.21 16.68 -1.97
CA ILE C 294 -4.44 17.90 -1.22
C ILE C 294 -4.01 17.73 0.22
N SER C 295 -4.30 16.55 0.76
CA SER C 295 -3.83 16.27 2.09
C SER C 295 -2.31 16.09 2.09
N ALA C 296 -1.79 15.57 0.99
CA ALA C 296 -0.33 15.40 0.83
C ALA C 296 0.32 16.73 0.97
N LEU C 297 -0.30 17.76 0.38
CA LEU C 297 0.27 19.13 0.48
C LEU C 297 0.25 19.64 1.91
N LYS C 298 -0.84 19.40 2.62
CA LYS C 298 -0.92 19.77 4.02
C LYS C 298 0.12 19.02 4.85
N ALA C 299 0.26 17.73 4.57
CA ALA C 299 1.25 16.90 5.23
C ALA C 299 2.68 17.41 4.98
N VAL C 300 2.98 17.77 3.75
CA VAL C 300 4.26 18.42 3.42
C VAL C 300 4.47 19.78 4.17
N LYS C 301 3.42 20.59 4.33
CA LYS C 301 3.56 21.83 5.14
C LYS C 301 4.00 21.54 6.58
N VAL C 302 3.22 20.74 7.28
CA VAL C 302 3.50 20.44 8.68
C VAL C 302 4.94 19.94 8.88
N LEU C 303 5.43 19.08 8.01
CA LEU C 303 6.75 18.46 8.23
C LEU C 303 7.89 19.38 7.84
N LYS C 304 7.66 20.20 6.81
CA LYS C 304 8.64 21.21 6.41
C LYS C 304 8.83 22.08 7.64
N GLU C 305 7.71 22.47 8.22
CA GLU C 305 7.70 23.32 9.39
C GLU C 305 8.53 22.69 10.50
N LEU C 306 8.30 21.40 10.77
CA LEU C 306 8.96 20.69 11.88
C LEU C 306 10.40 20.24 11.61
N ASN C 307 10.94 20.59 10.44
CA ASN C 307 12.25 20.13 9.98
C ASN C 307 12.40 18.61 9.89
N LYS C 308 11.27 17.91 9.68
CA LYS C 308 11.29 16.44 9.68
C LYS C 308 11.08 15.81 8.31
N LEU C 309 11.02 16.63 7.24
CA LEU C 309 10.79 16.10 5.90
C LEU C 309 12.04 15.45 5.28
S SO4 D . 17.07 5.64 -0.60
O1 SO4 D . 16.02 4.56 -0.59
O2 SO4 D . 17.08 6.25 0.74
O3 SO4 D . 18.41 5.12 -1.01
O4 SO4 D . 16.70 6.66 -1.60
S SO4 E . 11.29 -0.91 0.07
O1 SO4 E . 10.42 0.12 -0.56
O2 SO4 E . 11.29 -0.76 1.55
O3 SO4 E . 12.67 -0.84 -0.45
O4 SO4 E . 10.77 -2.25 -0.28
#